data_8CDN
#
_entry.id   8CDN
#
_cell.length_a   63.018
_cell.length_b   63.018
_cell.length_c   218.579
_cell.angle_alpha   90.000
_cell.angle_beta   90.000
_cell.angle_gamma   120.000
#
_symmetry.space_group_name_H-M   'P 61 2 2'
#
loop_
_entity.id
_entity.type
_entity.pdbx_description
1 polymer 'T-box transcription factor T'
2 polymer "DNA (5'-D(*AP*GP*GP*TP*GP*TP*GP*AP*GP*CP*CP*T)-3')"
3 polymer "DNA (5'-D(*AP*GP*GP*CP*TP*CP*AP*CP*AP*CP*CP*T)-3')"
4 water water
#
loop_
_entity_poly.entity_id
_entity_poly.type
_entity_poly.pdbx_seq_one_letter_code
_entity_poly.pdbx_strand_id
1 'polypeptide(L)'
;MGELRVGLEESELWLRFKELTNEMIVTKNGRRMFPVLKVNVSGLDPNAMYSFLLDFVAADNHRWKYVNGEWVPGGKPEPQ
APSCVYIHPDSPNFGAHWMKAPVSFSKVKLTNKLNGGGQIMLNSLHKYEPRIHIVRVGGPQRMITSHCFPETQFIAVTAY
QNEEITALKIKYNPFAKAFLDAKERSHHHHHH
;
A
2 'polydeoxyribonucleotide' (DA)(DG)(DG)(DT)(DG)(DT)(DG)(DA)(DG)(DC)(DC)(DT) C
3 'polydeoxyribonucleotide' (DA)(DG)(DG)(DC)(DT)(DC)(DA)(DC)(DA)(DC)(DC)(DT) D
#
loop_
_chem_comp.id
_chem_comp.type
_chem_comp.name
_chem_comp.formula
DA DNA linking 2'-DEOXYADENOSINE-5'-MONOPHOSPHATE 'C10 H14 N5 O6 P'
DC DNA linking 2'-DEOXYCYTIDINE-5'-MONOPHOSPHATE 'C9 H14 N3 O7 P'
DG DNA linking 2'-DEOXYGUANOSINE-5'-MONOPHOSPHATE 'C10 H14 N5 O7 P'
DT DNA linking THYMIDINE-5'-MONOPHOSPHATE 'C10 H15 N2 O8 P'
#
# COMPACT_ATOMS: atom_id res chain seq x y z
N GLU A 3 9.94 20.88 -9.51
CA GLU A 3 8.98 20.21 -10.39
C GLU A 3 8.01 19.33 -9.61
N LEU A 4 7.44 18.33 -10.27
CA LEU A 4 6.62 17.35 -9.57
C LEU A 4 7.43 16.51 -8.60
N ARG A 5 7.12 16.65 -7.32
CA ARG A 5 7.73 15.88 -6.24
C ARG A 5 6.59 15.20 -5.49
N VAL A 6 6.76 13.92 -5.15
CA VAL A 6 5.79 13.16 -4.35
C VAL A 6 6.48 12.44 -3.22
N GLY A 7 6.26 12.89 -1.99
CA GLY A 7 6.92 12.30 -0.83
C GLY A 7 5.94 11.56 0.06
N LEU A 8 6.44 10.50 0.67
CA LEU A 8 5.65 9.66 1.56
C LEU A 8 5.41 10.32 2.91
N GLU A 9 4.15 10.38 3.34
CA GLU A 9 3.94 10.86 4.69
C GLU A 9 4.22 9.69 5.62
N GLU A 10 4.72 10.03 6.81
CA GLU A 10 5.00 9.09 7.87
C GLU A 10 5.82 7.93 7.30
N SER A 11 6.82 8.29 6.47
CA SER A 11 7.64 7.30 5.77
C SER A 11 8.42 6.47 6.77
N GLU A 12 8.72 7.10 7.89
CA GLU A 12 9.53 6.51 8.93
C GLU A 12 8.81 5.41 9.67
N LEU A 13 7.50 5.54 9.86
CA LEU A 13 6.73 4.43 10.41
C LEU A 13 6.78 3.25 9.45
N TRP A 14 6.79 3.56 8.15
CA TRP A 14 6.89 2.51 7.17
C TRP A 14 8.25 1.83 7.29
N LEU A 15 9.32 2.60 7.50
CA LEU A 15 10.62 1.97 7.56
C LEU A 15 10.76 1.14 8.85
N ARG A 16 10.23 1.64 9.97
CA ARG A 16 10.15 0.86 11.21
C ARG A 16 9.49 -0.50 10.98
N PHE A 17 8.46 -0.53 10.14
CA PHE A 17 7.87 -1.81 9.80
C PHE A 17 8.77 -2.60 8.85
N LYS A 18 9.38 -1.91 7.88
CA LYS A 18 10.17 -2.61 6.88
C LYS A 18 11.30 -3.38 7.55
N GLU A 19 11.96 -2.77 8.55
CA GLU A 19 13.09 -3.42 9.20
C GLU A 19 12.70 -4.78 9.74
N LEU A 20 11.50 -4.88 10.31
CA LEU A 20 11.06 -6.08 10.98
C LEU A 20 10.45 -7.06 9.98
N THR A 21 10.54 -6.74 8.68
CA THR A 21 9.74 -7.31 7.59
C THR A 21 8.26 -7.01 7.76
N ASN A 22 7.74 -6.04 7.01
CA ASN A 22 6.34 -5.63 7.15
C ASN A 22 5.39 -6.72 6.64
N GLU A 23 4.21 -6.79 7.24
CA GLU A 23 3.20 -7.76 6.84
C GLU A 23 1.84 -7.07 6.77
N MET A 24 1.07 -7.39 5.73
CA MET A 24 -0.30 -6.90 5.58
C MET A 24 -1.25 -8.07 5.53
N ILE A 25 -2.24 -8.08 6.44
CA ILE A 25 -3.30 -9.06 6.36
C ILE A 25 -4.14 -8.84 5.11
N VAL A 26 -4.42 -9.93 4.39
CA VAL A 26 -5.51 -9.94 3.41
C VAL A 26 -6.55 -10.93 3.91
N THR A 27 -7.81 -10.66 3.57
CA THR A 27 -8.90 -11.56 3.93
C THR A 27 -9.87 -11.69 2.77
N LYS A 28 -10.81 -12.61 2.92
CA LYS A 28 -11.77 -12.89 1.86
C LYS A 28 -12.57 -11.63 1.53
N ASN A 29 -13.10 -10.97 2.57
CA ASN A 29 -13.89 -9.74 2.43
C ASN A 29 -13.06 -8.50 2.13
N GLY A 30 -11.74 -8.59 2.22
CA GLY A 30 -10.81 -7.51 1.93
C GLY A 30 -10.43 -6.79 3.21
N ARG A 31 -9.15 -6.41 3.31
CA ARG A 31 -8.57 -5.83 4.50
C ARG A 31 -7.95 -4.47 4.21
N ARG A 32 -8.20 -3.50 5.07
CA ARG A 32 -7.53 -2.21 4.93
C ARG A 32 -6.06 -2.36 5.28
N MET A 33 -5.22 -1.51 4.69
CA MET A 33 -3.82 -1.47 5.05
C MET A 33 -3.60 -0.73 6.35
N PHE A 34 -2.61 -1.19 7.12
CA PHE A 34 -2.00 -0.37 8.16
C PHE A 34 -0.49 -0.66 8.15
N PRO A 35 0.35 0.37 8.06
CA PRO A 35 -0.06 1.79 7.99
C PRO A 35 -0.78 2.13 6.69
N VAL A 36 -1.47 3.25 6.70
CA VAL A 36 -2.15 3.72 5.50
C VAL A 36 -1.15 4.45 4.64
N LEU A 37 -1.24 4.23 3.34
CA LEU A 37 -0.34 4.93 2.44
C LEU A 37 -0.85 6.35 2.26
N LYS A 38 -0.02 7.32 2.67
CA LYS A 38 -0.33 8.75 2.55
C LYS A 38 0.86 9.42 1.89
N VAL A 39 0.61 10.30 0.92
CA VAL A 39 1.70 10.98 0.23
C VAL A 39 1.44 12.47 0.12
N ASN A 40 2.53 13.24 0.08
CA ASN A 40 2.50 14.66 -0.23
C ASN A 40 2.89 14.87 -1.68
N VAL A 41 2.18 15.77 -2.35
CA VAL A 41 2.38 16.04 -3.76
C VAL A 41 2.70 17.52 -3.91
N SER A 42 3.67 17.83 -4.75
CA SER A 42 3.94 19.23 -5.10
C SER A 42 4.34 19.31 -6.55
N GLY A 43 4.20 20.51 -7.10
CA GLY A 43 4.61 20.74 -8.46
C GLY A 43 3.56 20.38 -9.47
N LEU A 44 2.33 20.09 -9.03
CA LEU A 44 1.20 20.01 -9.94
C LEU A 44 0.71 21.41 -10.33
N ASP A 45 0.00 21.46 -11.45
CA ASP A 45 -0.75 22.64 -11.83
C ASP A 45 -1.96 22.74 -10.92
N PRO A 46 -2.06 23.76 -10.07
CA PRO A 46 -3.20 23.87 -9.14
C PRO A 46 -4.57 23.73 -9.79
N ASN A 47 -4.75 24.20 -11.02
CA ASN A 47 -6.04 24.24 -11.69
C ASN A 47 -6.19 23.16 -12.75
N ALA A 48 -5.21 22.28 -12.89
CA ALA A 48 -5.37 21.15 -13.79
C ALA A 48 -6.04 19.99 -13.08
N MET A 49 -6.57 19.08 -13.87
CA MET A 49 -7.34 17.93 -13.38
C MET A 49 -6.50 16.66 -13.42
N TYR A 50 -6.46 15.94 -12.29
CA TYR A 50 -5.63 14.76 -12.17
C TYR A 50 -6.44 13.65 -11.50
N SER A 51 -6.08 12.41 -11.79
CA SER A 51 -6.59 11.25 -11.06
C SER A 51 -5.43 10.48 -10.44
N PHE A 52 -5.63 9.96 -9.23
CA PHE A 52 -4.59 9.18 -8.58
C PHE A 52 -4.99 7.70 -8.51
N LEU A 53 -4.06 6.83 -8.89
CA LEU A 53 -4.26 5.39 -8.96
C LEU A 53 -3.23 4.68 -8.10
N LEU A 54 -3.60 3.53 -7.55
CA LEU A 54 -2.69 2.75 -6.70
C LEU A 54 -2.68 1.31 -7.20
N ASP A 55 -1.48 0.72 -7.34
CA ASP A 55 -1.41 -0.72 -7.54
C ASP A 55 -0.21 -1.29 -6.79
N PHE A 56 -0.05 -2.61 -6.90
CA PHE A 56 0.95 -3.34 -6.14
C PHE A 56 1.80 -4.21 -7.05
N VAL A 57 3.11 -4.11 -6.89
CA VAL A 57 4.05 -4.82 -7.73
C VAL A 57 4.81 -5.85 -6.90
N ALA A 58 5.15 -6.97 -7.54
CA ALA A 58 5.89 -8.04 -6.87
C ALA A 58 7.26 -7.52 -6.43
N ALA A 59 7.61 -7.74 -5.17
CA ALA A 59 8.89 -7.25 -4.68
C ALA A 59 10.07 -8.19 -4.93
N ASP A 60 9.83 -9.49 -5.16
CA ASP A 60 10.83 -10.46 -5.58
C ASP A 60 10.08 -11.65 -6.16
N ASN A 61 10.79 -12.73 -6.50
CA ASN A 61 10.15 -13.79 -7.24
C ASN A 61 9.84 -15.01 -6.38
N HIS A 62 10.34 -15.07 -5.17
CA HIS A 62 10.16 -16.22 -4.28
C HIS A 62 8.87 -16.09 -3.45
N ARG A 63 8.21 -17.22 -3.21
CA ARG A 63 7.35 -17.26 -2.02
C ARG A 63 8.23 -17.15 -0.78
N TRP A 64 7.60 -16.83 0.33
CA TRP A 64 8.27 -16.71 1.62
C TRP A 64 7.59 -17.60 2.64
N LYS A 65 8.32 -17.89 3.71
CA LYS A 65 7.75 -18.54 4.87
C LYS A 65 8.50 -18.06 6.09
N TYR A 66 7.83 -18.15 7.23
CA TYR A 66 8.39 -17.73 8.52
C TYR A 66 8.81 -18.99 9.26
N VAL A 67 10.10 -19.07 9.56
CA VAL A 67 10.67 -20.23 10.24
C VAL A 67 11.41 -19.75 11.47
N ASN A 68 11.05 -20.31 12.63
CA ASN A 68 11.56 -19.95 13.93
C ASN A 68 11.98 -18.48 14.05
N GLY A 69 11.00 -17.57 14.01
CA GLY A 69 11.27 -16.16 14.24
C GLY A 69 12.10 -15.49 13.17
N GLU A 70 12.09 -16.03 11.95
CA GLU A 70 12.88 -15.48 10.87
C GLU A 70 12.17 -15.72 9.55
N TRP A 71 12.32 -14.77 8.64
CA TRP A 71 11.75 -14.86 7.31
C TRP A 71 12.79 -15.53 6.41
N VAL A 72 12.36 -16.61 5.74
CA VAL A 72 13.23 -17.32 4.81
C VAL A 72 12.47 -17.52 3.51
N PRO A 73 13.16 -17.51 2.37
CA PRO A 73 12.48 -17.77 1.10
C PRO A 73 12.00 -19.20 1.00
N GLY A 74 11.02 -19.39 0.12
CA GLY A 74 10.54 -20.70 -0.26
C GLY A 74 10.83 -20.91 -1.73
N GLY A 75 9.78 -21.07 -2.53
CA GLY A 75 9.97 -21.23 -3.96
C GLY A 75 8.63 -21.38 -4.63
N LYS A 76 8.70 -21.65 -5.94
CA LYS A 76 7.51 -21.83 -6.76
C LYS A 76 6.58 -20.62 -6.63
N PRO A 77 6.94 -19.45 -7.18
CA PRO A 77 6.00 -18.32 -7.18
C PRO A 77 4.71 -18.71 -7.89
N GLU A 78 3.60 -18.81 -7.14
CA GLU A 78 2.32 -19.16 -7.74
C GLU A 78 2.04 -18.20 -8.88
N PRO A 79 1.27 -18.62 -9.92
CA PRO A 79 0.98 -17.71 -11.04
C PRO A 79 0.63 -16.31 -10.58
N GLN A 80 1.40 -15.31 -11.05
CA GLN A 80 1.31 -13.93 -10.61
C GLN A 80 -0.14 -13.47 -10.46
N ALA A 81 -0.39 -12.54 -9.55
CA ALA A 81 -1.77 -12.21 -9.24
C ALA A 81 -2.31 -11.39 -10.41
N PRO A 82 -3.62 -11.34 -10.61
CA PRO A 82 -4.13 -10.48 -11.68
C PRO A 82 -3.81 -9.03 -11.36
N SER A 83 -3.54 -8.26 -12.40
CA SER A 83 -3.27 -6.84 -12.21
C SER A 83 -4.58 -6.18 -11.77
N CYS A 84 -4.61 -5.65 -10.54
CA CYS A 84 -5.70 -4.78 -10.18
C CYS A 84 -5.17 -3.39 -9.87
N VAL A 85 -6.10 -2.45 -9.79
CA VAL A 85 -5.78 -1.05 -9.54
C VAL A 85 -6.92 -0.54 -8.67
N TYR A 86 -6.63 0.52 -7.93
CA TYR A 86 -7.62 1.25 -7.14
C TYR A 86 -7.57 2.73 -7.46
N ILE A 87 -8.69 3.30 -7.90
CA ILE A 87 -8.74 4.73 -8.20
C ILE A 87 -9.14 5.46 -6.92
N HIS A 88 -8.31 6.39 -6.46
CA HIS A 88 -8.63 7.16 -5.27
C HIS A 88 -10.02 7.78 -5.43
N PRO A 89 -10.90 7.67 -4.43
CA PRO A 89 -12.29 8.10 -4.63
C PRO A 89 -12.48 9.60 -4.87
N ASP A 90 -11.50 10.44 -4.52
CA ASP A 90 -11.57 11.86 -4.85
C ASP A 90 -11.33 12.16 -6.32
N SER A 91 -10.84 11.19 -7.11
CA SER A 91 -10.61 11.43 -8.53
C SER A 91 -11.92 11.55 -9.30
N PRO A 92 -11.96 12.37 -10.36
CA PRO A 92 -10.90 13.27 -10.80
C PRO A 92 -11.01 14.55 -9.97
N ASN A 93 -9.95 15.33 -9.87
CA ASN A 93 -9.98 16.53 -9.03
C ASN A 93 -8.81 17.41 -9.38
N PHE A 94 -8.93 18.68 -9.00
CA PHE A 94 -7.94 19.70 -9.32
C PHE A 94 -6.65 19.50 -8.54
N GLY A 95 -5.55 19.91 -9.18
CA GLY A 95 -4.25 19.86 -8.53
C GLY A 95 -4.26 20.52 -7.17
N ALA A 96 -4.98 21.63 -7.04
CA ALA A 96 -5.15 22.28 -5.74
C ALA A 96 -5.61 21.29 -4.68
N HIS A 97 -6.61 20.47 -5.00
CA HIS A 97 -7.12 19.52 -4.04
C HIS A 97 -6.05 18.48 -3.68
N TRP A 98 -5.39 17.91 -4.69
CA TRP A 98 -4.38 16.89 -4.40
C TRP A 98 -3.20 17.46 -3.61
N MET A 99 -2.91 18.76 -3.78
CA MET A 99 -1.76 19.37 -3.13
C MET A 99 -2.07 19.96 -1.76
N LYS A 100 -3.34 20.21 -1.45
CA LYS A 100 -3.66 20.95 -0.23
C LYS A 100 -3.44 20.12 1.03
N ALA A 101 -3.38 18.80 0.90
CA ALA A 101 -3.28 17.92 2.06
C ALA A 101 -2.81 16.56 1.59
N PRO A 102 -2.26 15.73 2.48
CA PRO A 102 -1.73 14.44 2.02
C PRO A 102 -2.83 13.60 1.38
N VAL A 103 -2.45 12.88 0.34
CA VAL A 103 -3.35 11.97 -0.36
C VAL A 103 -3.23 10.62 0.32
N SER A 104 -4.32 10.14 0.92
CA SER A 104 -4.29 8.96 1.76
C SER A 104 -5.19 7.90 1.17
N PHE A 105 -4.64 6.69 0.99
CA PHE A 105 -5.38 5.57 0.40
C PHE A 105 -6.00 4.69 1.47
N SER A 106 -6.79 5.30 2.35
CA SER A 106 -7.23 4.64 3.58
C SER A 106 -8.29 3.58 3.34
N LYS A 107 -8.98 3.61 2.20
CA LYS A 107 -10.11 2.72 2.02
C LYS A 107 -9.84 1.59 1.04
N VAL A 108 -8.67 1.54 0.40
CA VAL A 108 -8.36 0.40 -0.45
C VAL A 108 -8.38 -0.86 0.40
N LYS A 109 -8.90 -1.95 -0.15
CA LYS A 109 -8.98 -3.22 0.56
C LYS A 109 -8.19 -4.30 -0.19
N LEU A 110 -7.29 -4.96 0.54
CA LEU A 110 -6.46 -6.03 0.02
C LEU A 110 -7.08 -7.38 0.33
N THR A 111 -7.17 -8.27 -0.66
CA THR A 111 -7.85 -9.55 -0.50
C THR A 111 -7.00 -10.65 -1.14
N ASN A 112 -7.32 -11.90 -0.84
CA ASN A 112 -6.76 -13.06 -1.53
C ASN A 112 -7.68 -13.70 -2.55
N LYS A 113 -8.86 -13.14 -2.81
CA LYS A 113 -9.79 -13.69 -3.79
C LYS A 113 -10.07 -12.69 -4.90
N LEU A 114 -10.57 -13.20 -6.02
CA LEU A 114 -10.94 -12.31 -7.12
C LEU A 114 -12.15 -11.46 -6.75
N ASN A 115 -12.05 -10.72 -5.66
CA ASN A 115 -13.12 -9.84 -5.23
C ASN A 115 -12.99 -8.50 -5.95
N GLY A 116 -14.13 -7.90 -6.28
CA GLY A 116 -14.17 -6.69 -7.05
C GLY A 116 -14.69 -5.52 -6.22
N GLY A 117 -14.68 -4.35 -6.84
CA GLY A 117 -15.12 -3.15 -6.17
C GLY A 117 -14.06 -2.50 -5.29
N GLY A 118 -13.07 -1.88 -5.93
CA GLY A 118 -12.03 -1.20 -5.19
C GLY A 118 -11.08 -2.08 -4.40
N GLN A 119 -10.90 -3.33 -4.83
CA GLN A 119 -10.12 -4.30 -4.08
C GLN A 119 -8.93 -4.72 -4.93
N ILE A 120 -7.85 -5.03 -4.23
CA ILE A 120 -6.65 -5.58 -4.85
C ILE A 120 -6.42 -6.97 -4.32
N MET A 121 -6.37 -7.92 -5.23
CA MET A 121 -6.05 -9.29 -4.90
C MET A 121 -4.53 -9.42 -4.89
N LEU A 122 -4.01 -9.88 -3.77
CA LEU A 122 -2.61 -10.26 -3.64
C LEU A 122 -2.57 -11.76 -3.39
N ASN A 123 -1.39 -12.35 -3.53
CA ASN A 123 -1.22 -13.78 -3.31
C ASN A 123 -0.45 -13.98 -2.02
N SER A 124 -0.95 -14.84 -1.15
CA SER A 124 -0.52 -14.82 0.23
C SER A 124 0.93 -15.30 0.31
N LEU A 125 1.66 -14.80 1.30
CA LEU A 125 3.06 -15.15 1.50
C LEU A 125 3.92 -14.70 0.32
N HIS A 126 3.52 -13.61 -0.34
CA HIS A 126 4.34 -12.96 -1.35
C HIS A 126 4.58 -11.54 -0.90
N LYS A 127 5.70 -10.95 -1.33
CA LYS A 127 6.05 -9.59 -0.96
C LYS A 127 5.64 -8.63 -2.07
N TYR A 128 4.98 -7.54 -1.69
CA TYR A 128 4.45 -6.58 -2.64
C TYR A 128 4.90 -5.18 -2.26
N GLU A 129 5.03 -4.32 -3.26
CA GLU A 129 5.34 -2.91 -3.05
C GLU A 129 4.22 -2.03 -3.59
N PRO A 130 3.65 -1.16 -2.79
CA PRO A 130 2.68 -0.18 -3.33
C PRO A 130 3.37 0.77 -4.29
N ARG A 131 2.63 1.12 -5.34
CA ARG A 131 3.07 2.06 -6.37
C ARG A 131 1.91 3.01 -6.62
N ILE A 132 2.19 4.30 -6.63
CA ILE A 132 1.16 5.32 -6.83
C ILE A 132 1.39 5.93 -8.21
N HIS A 133 0.30 6.21 -8.89
CA HIS A 133 0.30 6.83 -10.20
C HIS A 133 -0.56 8.09 -10.23
N ILE A 134 -0.10 9.05 -11.02
CA ILE A 134 -0.83 10.29 -11.26
C ILE A 134 -1.06 10.35 -12.75
N VAL A 135 -2.29 10.61 -13.14
CA VAL A 135 -2.55 10.73 -14.57
C VAL A 135 -3.32 12.00 -14.82
N ARG A 136 -2.96 12.64 -15.94
CA ARG A 136 -3.65 13.82 -16.41
C ARG A 136 -4.00 13.62 -17.87
N VAL A 137 -5.28 13.75 -18.14
CA VAL A 137 -5.85 13.64 -19.47
C VAL A 137 -5.93 15.04 -20.06
N GLY A 138 -5.45 15.22 -21.28
CA GLY A 138 -5.46 16.54 -21.87
C GLY A 138 -4.96 16.52 -23.30
N GLY A 139 -3.75 17.01 -23.50
CA GLY A 139 -3.13 16.99 -24.79
C GLY A 139 -1.63 17.07 -24.66
N PRO A 140 -1.11 18.29 -24.53
CA PRO A 140 0.33 18.44 -24.32
C PRO A 140 0.64 18.12 -22.88
N GLN A 141 -0.28 18.47 -21.98
CA GLN A 141 -0.20 18.04 -20.60
C GLN A 141 -0.73 16.61 -20.40
N ARG A 142 -0.68 15.74 -21.39
CA ARG A 142 -1.16 14.37 -21.18
C ARG A 142 0.01 13.64 -20.52
N MET A 143 -0.27 12.90 -19.45
CA MET A 143 0.88 12.45 -18.67
C MET A 143 0.65 11.52 -17.49
N ILE A 144 1.47 10.46 -17.35
CA ILE A 144 1.25 9.58 -16.24
C ILE A 144 2.63 9.50 -15.62
N THR A 145 2.66 9.62 -14.31
CA THR A 145 3.76 9.31 -13.41
C THR A 145 3.48 8.10 -12.54
N SER A 146 4.56 7.47 -12.11
CA SER A 146 4.53 6.37 -11.18
C SER A 146 5.58 6.68 -10.13
N HIS A 147 5.31 6.27 -8.89
CA HIS A 147 6.18 6.58 -7.76
C HIS A 147 6.19 5.42 -6.79
N CYS A 148 7.37 4.86 -6.57
CA CYS A 148 7.55 3.76 -5.65
C CYS A 148 8.14 4.24 -4.33
N PHE A 149 7.82 3.50 -3.27
CA PHE A 149 8.21 3.79 -1.90
C PHE A 149 8.69 2.50 -1.25
N PRO A 150 9.98 2.17 -1.42
CA PRO A 150 10.51 0.92 -0.84
C PRO A 150 10.27 0.80 0.65
N GLU A 151 10.17 1.91 1.37
CA GLU A 151 9.80 1.83 2.78
C GLU A 151 8.48 1.08 2.99
N THR A 152 7.63 0.99 1.98
CA THR A 152 6.30 0.43 2.16
C THR A 152 6.14 -0.98 1.63
N GLN A 153 7.23 -1.67 1.28
CA GLN A 153 7.15 -3.07 0.91
C GLN A 153 6.56 -3.91 2.04
N PHE A 154 5.91 -5.01 1.68
CA PHE A 154 5.27 -5.85 2.69
C PHE A 154 5.00 -7.22 2.11
N ILE A 155 4.75 -8.18 3.00
CA ILE A 155 4.33 -9.53 2.62
C ILE A 155 2.85 -9.69 2.96
N ALA A 156 2.07 -10.14 1.97
CA ALA A 156 0.67 -10.46 2.24
C ALA A 156 0.59 -11.74 3.05
N VAL A 157 -0.32 -11.76 4.03
CA VAL A 157 -0.51 -12.90 4.91
C VAL A 157 -1.98 -12.98 5.29
N THR A 158 -2.44 -14.18 5.66
CA THR A 158 -3.76 -14.31 6.25
C THR A 158 -3.71 -14.25 7.76
N ALA A 159 -2.52 -14.32 8.36
CA ALA A 159 -2.36 -14.07 9.77
C ALA A 159 -0.94 -13.54 9.97
N TYR A 160 -0.79 -12.64 10.93
CA TYR A 160 0.52 -12.10 11.27
C TYR A 160 1.43 -13.22 11.74
N GLN A 161 2.72 -13.08 11.45
CA GLN A 161 3.70 -14.08 11.84
C GLN A 161 4.76 -13.55 12.79
N ASN A 162 5.36 -12.40 12.51
CA ASN A 162 6.23 -11.75 13.47
C ASN A 162 5.38 -11.03 14.52
N GLU A 163 5.40 -11.54 15.76
CA GLU A 163 4.67 -10.90 16.85
C GLU A 163 5.08 -9.44 17.03
N GLU A 164 6.29 -9.07 16.60
CA GLU A 164 6.70 -7.68 16.75
C GLU A 164 5.92 -6.79 15.79
N ILE A 165 5.55 -7.34 14.63
CA ILE A 165 4.71 -6.60 13.69
C ILE A 165 3.32 -6.43 14.30
N THR A 166 2.73 -7.53 14.79
CA THR A 166 1.44 -7.44 15.46
C THR A 166 1.45 -6.39 16.55
N ALA A 167 2.55 -6.35 17.31
CA ALA A 167 2.70 -5.35 18.37
C ALA A 167 2.64 -3.93 17.81
N LEU A 168 3.36 -3.68 16.71
CA LEU A 168 3.33 -2.33 16.14
C LEU A 168 1.95 -1.98 15.59
N LYS A 169 1.32 -2.93 14.90
CA LYS A 169 -0.05 -2.73 14.42
C LYS A 169 -0.96 -2.33 15.56
N ILE A 170 -0.91 -3.08 16.66
CA ILE A 170 -1.78 -2.79 17.80
C ILE A 170 -1.40 -1.43 18.40
N LYS A 171 -0.12 -1.05 18.30
CA LYS A 171 0.35 0.19 18.93
C LYS A 171 -0.17 1.42 18.20
N TYR A 172 -0.26 1.36 16.87
CA TYR A 172 -0.49 2.56 16.10
C TYR A 172 -1.85 2.62 15.39
N ASN A 173 -2.39 1.49 14.95
CA ASN A 173 -3.70 1.47 14.32
C ASN A 173 -4.80 1.73 15.35
N PRO A 174 -5.50 2.87 15.28
CA PRO A 174 -6.54 3.14 16.27
C PRO A 174 -7.63 2.07 16.37
N PHE A 175 -7.95 1.33 15.30
CA PHE A 175 -9.00 0.34 15.44
C PHE A 175 -8.60 -0.86 16.29
N ALA A 176 -7.30 -1.09 16.52
CA ALA A 176 -6.87 -2.14 17.43
C ALA A 176 -6.52 -1.60 18.80
N LYS A 177 -7.00 -0.39 19.14
CA LYS A 177 -6.64 0.21 20.41
C LYS A 177 -7.15 -0.60 21.60
N ALA A 178 -8.25 -1.34 21.41
CA ALA A 178 -8.80 -2.14 22.49
C ALA A 178 -7.81 -3.20 22.98
N PHE A 179 -7.00 -3.75 22.07
CA PHE A 179 -5.99 -4.74 22.41
C PHE A 179 -4.72 -4.11 22.96
N LEU A 180 -4.53 -2.81 22.78
CA LEU A 180 -3.33 -2.17 23.31
C LEU A 180 -3.38 -1.94 24.81
N ASP A 181 -4.34 -2.52 25.53
CA ASP A 181 -4.39 -2.41 26.99
C ASP A 181 -3.15 -3.03 27.63
N ALA A 182 -1.97 -2.82 27.03
CA ALA A 182 -0.71 -3.36 27.56
C ALA A 182 -0.46 -2.91 28.99
N LYS A 183 -0.61 -3.82 29.94
CA LYS A 183 -0.43 -3.50 31.36
C LYS A 183 0.46 -4.55 32.00
#